data_8RSI
#
_entry.id   8RSI
#
_cell.length_a   70.320
_cell.length_b   146.609
_cell.length_c   58.295
_cell.angle_alpha   90.000
_cell.angle_beta   90.000
_cell.angle_gamma   90.000
#
_symmetry.space_group_name_H-M   'P 21 21 2'
#
loop_
_entity.id
_entity.type
_entity.pdbx_description
1 polymer 'O-acetyl-ADP-ribose deacetylase'
2 non-polymer 'ZINC ION'
3 non-polymer 1,2-ETHANEDIOL
4 non-polymer '2-(N-MORPHOLINO)-ETHANESULFONIC ACID'
5 non-polymer 'GLUTAMIC ACID'
6 water water
#
_entity_poly.entity_id   1
_entity_poly.type   'polypeptide(L)'
_entity_poly.pdbx_seq_one_letter_code
;GPMNNDEQLEFLINYLLDERSESIDIPKTFSEKRNLLRSLMNMRHPSNISEEFLRIQDEFLSRETANKNLTSVEDISLSS
GKIMLWQGDITTLSADAIVNAANSKLLGCFIPMHNCIDNIIHSASGLQLREECNRMIMLQGGDEDVGKAKITNAYNLPSK
YVVHTVGPSIERGMRVSSDDVKKLERCYNSCLELASEYKLNSIAFCCISTGVFNFPQKKAAEIAIRTVKDFLNSNETSLN
HIIFDVFTDKDYDIYKKLLFGN
;
_entity_poly.pdbx_strand_id   A,B
#
# COMPACT_ATOMS: atom_id res chain seq x y z
N PRO A 2 11.10 -24.78 3.49
CA PRO A 2 10.32 -23.60 3.07
C PRO A 2 9.74 -23.79 1.66
N MET A 3 8.41 -23.98 1.63
CA MET A 3 7.64 -24.49 0.50
CA MET A 3 7.66 -24.49 0.50
C MET A 3 8.03 -23.79 -0.81
N ASN A 4 7.94 -24.52 -1.93
CA ASN A 4 7.96 -23.87 -3.24
C ASN A 4 6.55 -23.42 -3.64
N ASN A 5 6.42 -22.92 -4.88
CA ASN A 5 5.16 -22.36 -5.36
C ASN A 5 4.06 -23.42 -5.38
N ASP A 6 4.38 -24.66 -5.77
CA ASP A 6 3.35 -25.69 -5.87
C ASP A 6 2.93 -26.19 -4.50
N GLU A 7 3.89 -26.22 -3.57
CA GLU A 7 3.62 -26.67 -2.21
C GLU A 7 2.78 -25.62 -1.49
N GLN A 8 3.08 -24.35 -1.75
CA GLN A 8 2.25 -23.30 -1.21
C GLN A 8 0.82 -23.46 -1.69
N LEU A 9 0.65 -23.74 -2.99
CA LEU A 9 -0.69 -23.81 -3.53
C LEU A 9 -1.41 -25.01 -2.94
N GLU A 10 -0.73 -26.17 -2.83
CA GLU A 10 -1.32 -27.35 -2.23
CA GLU A 10 -1.30 -27.37 -2.23
C GLU A 10 -1.73 -27.06 -0.79
N PHE A 11 -0.83 -26.40 -0.03
CA PHE A 11 -1.09 -26.08 1.36
C PHE A 11 -2.37 -25.26 1.48
N LEU A 12 -2.53 -24.24 0.61
CA LEU A 12 -3.65 -23.34 0.76
C LEU A 12 -4.94 -24.10 0.46
N ILE A 13 -4.91 -24.90 -0.61
CA ILE A 13 -6.07 -25.70 -0.99
C ILE A 13 -6.43 -26.68 0.13
N ASN A 14 -5.42 -27.37 0.68
CA ASN A 14 -5.69 -28.41 1.68
C ASN A 14 -6.30 -27.78 2.92
N TYR A 15 -5.81 -26.59 3.31
CA TYR A 15 -6.31 -25.94 4.51
C TYR A 15 -7.78 -25.59 4.32
N LEU A 16 -8.15 -25.03 3.17
CA LEU A 16 -9.52 -24.58 2.98
C LEU A 16 -10.47 -25.78 2.87
N LEU A 17 -10.00 -26.91 2.32
CA LEU A 17 -10.80 -28.13 2.24
C LEU A 17 -10.98 -28.76 3.63
N ASP A 18 -9.93 -28.73 4.48
CA ASP A 18 -10.05 -29.23 5.84
C ASP A 18 -11.11 -28.43 6.60
N GLU A 19 -11.14 -27.11 6.41
CA GLU A 19 -12.11 -26.26 7.09
C GLU A 19 -13.54 -26.63 6.75
N ARG A 20 -13.77 -27.17 5.55
CA ARG A 20 -15.13 -27.48 5.13
C ARG A 20 -15.49 -28.90 5.55
N SER A 21 -14.54 -29.63 6.15
CA SER A 21 -14.63 -31.08 6.32
C SER A 21 -15.00 -31.74 5.00
N GLU A 22 -14.17 -31.51 3.96
CA GLU A 22 -14.25 -32.31 2.74
C GLU A 22 -12.88 -32.51 2.09
N SER A 23 -12.90 -33.27 1.02
CA SER A 23 -11.74 -33.58 0.20
C SER A 23 -12.23 -33.96 -1.20
N ILE A 24 -11.84 -33.13 -2.16
CA ILE A 24 -11.90 -33.44 -3.57
C ILE A 24 -10.53 -34.01 -3.94
N ASP A 25 -10.43 -34.59 -5.15
CA ASP A 25 -9.14 -34.99 -5.69
C ASP A 25 -8.40 -33.74 -6.15
N ILE A 26 -7.19 -33.51 -5.62
CA ILE A 26 -6.36 -32.38 -6.02
C ILE A 26 -6.11 -32.43 -7.52
N PRO A 27 -6.63 -31.49 -8.34
CA PRO A 27 -6.45 -31.52 -9.78
C PRO A 27 -5.01 -31.62 -10.28
N LYS A 28 -4.87 -31.91 -11.58
CA LYS A 28 -3.58 -32.25 -12.17
CA LYS A 28 -3.58 -32.25 -12.17
C LYS A 28 -2.84 -30.97 -12.53
N THR A 29 -3.40 -30.17 -13.45
CA THR A 29 -2.72 -28.97 -13.94
C THR A 29 -2.71 -27.89 -12.86
N PHE A 30 -1.64 -27.10 -12.88
CA PHE A 30 -1.51 -25.96 -11.99
C PHE A 30 -2.77 -25.11 -12.07
N SER A 31 -3.20 -24.82 -13.31
CA SER A 31 -4.25 -23.84 -13.49
C SER A 31 -5.57 -24.38 -12.97
N GLU A 32 -5.72 -25.71 -12.87
CA GLU A 32 -6.92 -26.33 -12.32
CA GLU A 32 -6.97 -26.22 -12.32
C GLU A 32 -6.93 -26.12 -10.81
N LYS A 33 -5.76 -26.31 -10.19
CA LYS A 33 -5.61 -26.17 -8.76
C LYS A 33 -5.78 -24.70 -8.34
N ARG A 34 -5.29 -23.82 -9.22
CA ARG A 34 -5.41 -22.39 -8.99
C ARG A 34 -6.88 -22.00 -8.97
N ASN A 35 -7.65 -22.55 -9.91
CA ASN A 35 -9.08 -22.29 -9.97
C ASN A 35 -9.78 -22.91 -8.76
N LEU A 36 -9.29 -24.05 -8.26
CA LEU A 36 -9.84 -24.63 -7.06
C LEU A 36 -9.64 -23.69 -5.88
N LEU A 37 -8.46 -23.08 -5.78
CA LEU A 37 -8.15 -22.15 -4.70
C LEU A 37 -9.10 -20.95 -4.75
N ARG A 38 -9.29 -20.39 -5.95
CA ARG A 38 -10.16 -19.25 -6.11
C ARG A 38 -11.57 -19.58 -5.63
N SER A 39 -12.15 -20.67 -6.16
CA SER A 39 -13.45 -21.18 -5.71
C SER A 39 -13.53 -21.26 -4.19
N LEU A 40 -12.53 -21.89 -3.60
CA LEU A 40 -12.52 -22.08 -2.15
C LEU A 40 -12.51 -20.75 -1.41
N MET A 41 -11.75 -19.79 -1.97
CA MET A 41 -11.68 -18.48 -1.37
C MET A 41 -13.00 -17.76 -1.57
N ASN A 42 -13.55 -17.82 -2.78
CA ASN A 42 -14.80 -17.17 -3.10
C ASN A 42 -15.86 -17.56 -2.08
N MET A 43 -15.92 -18.86 -1.71
CA MET A 43 -17.01 -19.34 -0.88
C MET A 43 -16.78 -19.10 0.62
N ARG A 44 -15.55 -18.80 1.08
CA ARG A 44 -15.29 -18.78 2.52
C ARG A 44 -15.98 -17.57 3.20
N HIS A 45 -16.96 -17.88 4.06
CA HIS A 45 -17.66 -16.89 4.87
C HIS A 45 -16.65 -16.28 5.85
N PRO A 46 -16.75 -14.98 6.22
CA PRO A 46 -15.66 -14.31 6.91
C PRO A 46 -15.60 -14.80 8.34
N SER A 47 -14.38 -14.97 8.85
CA SER A 47 -14.17 -15.46 10.19
C SER A 47 -12.69 -15.66 10.46
N ASN A 48 -12.40 -15.87 11.74
CA ASN A 48 -11.07 -16.16 12.24
C ASN A 48 -10.40 -17.20 11.35
N ILE A 49 -9.12 -16.97 11.01
CA ILE A 49 -8.33 -17.87 10.18
C ILE A 49 -6.89 -17.88 10.65
N SER A 50 -6.22 -19.02 10.43
CA SER A 50 -4.82 -19.19 10.81
C SER A 50 -3.90 -18.12 10.20
N GLU A 51 -2.97 -17.62 11.02
CA GLU A 51 -1.99 -16.62 10.59
CA GLU A 51 -2.02 -16.61 10.57
C GLU A 51 -0.97 -17.27 9.66
N GLU A 52 -0.72 -18.57 9.86
CA GLU A 52 0.18 -19.34 9.01
CA GLU A 52 0.23 -19.23 8.97
C GLU A 52 -0.41 -19.35 7.58
N PHE A 53 -1.72 -19.62 7.49
CA PHE A 53 -2.42 -19.56 6.22
C PHE A 53 -2.22 -18.17 5.59
N LEU A 54 -2.46 -17.10 6.35
CA LEU A 54 -2.41 -15.75 5.81
C LEU A 54 -1.02 -15.43 5.30
N ARG A 55 0.02 -15.90 6.02
CA ARG A 55 1.38 -15.59 5.60
C ARG A 55 1.63 -16.30 4.27
N ILE A 56 1.18 -17.54 4.18
CA ILE A 56 1.46 -18.29 2.97
C ILE A 56 0.61 -17.74 1.82
N GLN A 57 -0.65 -17.37 2.12
CA GLN A 57 -1.54 -16.79 1.14
C GLN A 57 -0.86 -15.55 0.52
N ASP A 58 -0.31 -14.72 1.39
CA ASP A 58 0.29 -13.47 0.97
C ASP A 58 1.53 -13.70 0.11
N GLU A 59 2.42 -14.62 0.51
CA GLU A 59 3.57 -14.92 -0.33
C GLU A 59 3.09 -15.42 -1.68
N PHE A 60 2.03 -16.24 -1.64
CA PHE A 60 1.57 -16.87 -2.88
C PHE A 60 0.98 -15.82 -3.82
N LEU A 61 0.04 -15.01 -3.30
CA LEU A 61 -0.69 -14.05 -4.11
C LEU A 61 0.19 -12.87 -4.51
N SER A 62 1.08 -12.44 -3.61
CA SER A 62 2.04 -11.40 -3.94
C SER A 62 2.95 -11.82 -5.08
N ARG A 63 3.41 -13.05 -5.06
CA ARG A 63 4.27 -13.54 -6.14
C ARG A 63 3.47 -13.61 -7.43
N GLU A 64 2.21 -14.04 -7.33
CA GLU A 64 1.39 -14.08 -8.51
C GLU A 64 1.26 -12.66 -9.08
N THR A 65 1.05 -11.67 -8.21
CA THR A 65 0.89 -10.30 -8.64
C THR A 65 2.16 -9.88 -9.38
N ALA A 66 3.34 -10.14 -8.79
CA ALA A 66 4.59 -9.72 -9.38
C ALA A 66 4.89 -10.43 -10.72
N ASN A 67 4.29 -11.57 -11.00
CA ASN A 67 4.52 -12.24 -12.29
C ASN A 67 3.55 -11.81 -13.36
N LYS A 68 2.52 -11.02 -13.03
CA LYS A 68 1.71 -10.42 -14.08
C LYS A 68 2.51 -9.29 -14.70
N ASN A 69 2.04 -8.81 -15.84
CA ASN A 69 2.59 -7.60 -16.42
C ASN A 69 1.85 -6.42 -15.80
N LEU A 70 2.54 -5.70 -14.91
CA LEU A 70 1.99 -4.63 -14.11
C LEU A 70 2.07 -3.33 -14.88
N THR A 71 1.15 -2.41 -14.56
CA THR A 71 1.10 -1.15 -15.24
C THR A 71 1.08 -0.07 -14.18
N SER A 72 1.91 0.91 -14.36
CA SER A 72 1.92 2.13 -13.60
C SER A 72 1.13 3.21 -14.31
N VAL A 73 0.75 4.21 -13.54
CA VAL A 73 -0.04 5.28 -14.06
C VAL A 73 0.75 6.02 -15.15
N GLU A 74 2.06 6.18 -14.99
CA GLU A 74 2.79 6.92 -16.02
C GLU A 74 2.93 6.13 -17.34
N ASP A 75 2.66 4.81 -17.32
CA ASP A 75 2.73 4.03 -18.54
C ASP A 75 1.51 4.25 -19.42
N ILE A 76 0.42 4.81 -18.90
CA ILE A 76 -0.79 4.92 -19.71
C ILE A 76 -0.63 6.15 -20.64
N SER A 77 -0.71 5.98 -21.95
CA SER A 77 -0.44 7.07 -22.88
C SER A 77 -1.72 7.81 -23.29
N LEU A 78 -2.88 7.28 -22.96
CA LEU A 78 -4.10 7.85 -23.52
C LEU A 78 -4.77 8.72 -22.46
N SER A 79 -4.61 10.04 -22.58
CA SER A 79 -5.09 10.91 -21.53
C SER A 79 -5.51 12.26 -22.06
N SER A 80 -6.45 12.88 -21.32
CA SER A 80 -6.94 14.21 -21.60
C SER A 80 -6.90 15.01 -20.30
N GLY A 81 -5.87 15.82 -20.06
CA GLY A 81 -5.73 16.41 -18.73
C GLY A 81 -5.61 15.33 -17.65
N LYS A 82 -6.48 15.38 -16.62
CA LYS A 82 -6.37 14.45 -15.52
C LYS A 82 -7.05 13.13 -15.80
N ILE A 83 -7.73 13.01 -16.94
CA ILE A 83 -8.46 11.79 -17.22
C ILE A 83 -7.64 10.89 -18.12
N MET A 84 -7.65 9.61 -17.80
CA MET A 84 -7.00 8.63 -18.61
C MET A 84 -8.00 7.51 -18.94
N LEU A 85 -7.69 6.79 -19.99
CA LEU A 85 -8.45 5.67 -20.45
C LEU A 85 -7.50 4.51 -20.73
N TRP A 86 -7.75 3.37 -20.10
CA TRP A 86 -6.91 2.21 -20.18
C TRP A 86 -7.77 0.95 -20.27
N GLN A 87 -7.48 0.07 -21.23
CA GLN A 87 -8.14 -1.21 -21.29
C GLN A 87 -7.20 -2.22 -20.65
N GLY A 88 -7.57 -2.82 -19.55
CA GLY A 88 -6.69 -3.83 -18.97
C GLY A 88 -7.22 -4.33 -17.63
N ASP A 89 -6.49 -5.24 -17.01
CA ASP A 89 -6.89 -5.91 -15.79
C ASP A 89 -6.55 -5.01 -14.59
N ILE A 90 -7.59 -4.64 -13.86
CA ILE A 90 -7.52 -3.69 -12.78
C ILE A 90 -6.67 -4.22 -11.63
N THR A 91 -6.50 -5.55 -11.54
CA THR A 91 -5.64 -6.13 -10.53
C THR A 91 -4.15 -6.02 -10.88
N THR A 92 -3.83 -5.39 -12.00
CA THR A 92 -2.44 -5.26 -12.40
C THR A 92 -2.00 -3.79 -12.52
N LEU A 93 -2.85 -2.89 -12.01
CA LEU A 93 -2.62 -1.47 -12.14
C LEU A 93 -2.27 -0.89 -10.77
N SER A 94 -1.11 -0.25 -10.68
CA SER A 94 -0.68 0.29 -9.42
C SER A 94 -1.10 1.76 -9.28
N ALA A 95 -2.39 2.01 -9.32
CA ALA A 95 -2.94 3.27 -8.89
C ALA A 95 -2.91 3.30 -7.37
N ASP A 96 -3.06 4.49 -6.78
CA ASP A 96 -3.21 4.59 -5.32
C ASP A 96 -4.43 3.80 -4.90
N ALA A 97 -5.51 3.91 -5.67
CA ALA A 97 -6.73 3.19 -5.33
C ALA A 97 -7.37 2.65 -6.60
N ILE A 98 -7.94 1.46 -6.49
CA ILE A 98 -8.83 0.99 -7.52
C ILE A 98 -10.23 0.98 -6.92
N VAL A 99 -11.23 1.10 -7.80
CA VAL A 99 -12.63 1.05 -7.36
C VAL A 99 -13.26 -0.30 -7.64
N ASN A 100 -13.85 -0.86 -6.60
CA ASN A 100 -14.54 -2.13 -6.66
C ASN A 100 -16.04 -1.85 -6.71
N ALA A 101 -16.65 -2.33 -7.80
CA ALA A 101 -18.11 -2.29 -7.91
C ALA A 101 -18.70 -3.42 -7.05
N ALA A 102 -19.05 -3.08 -5.82
CA ALA A 102 -19.48 -4.10 -4.86
C ALA A 102 -20.99 -4.27 -4.86
N ASN A 103 -21.44 -5.21 -4.02
CA ASN A 103 -22.83 -5.36 -3.59
C ASN A 103 -23.04 -4.87 -2.15
N SER A 104 -24.30 -4.81 -1.74
CA SER A 104 -24.70 -4.22 -0.47
C SER A 104 -24.16 -4.97 0.75
N LYS A 105 -23.80 -6.26 0.65
CA LYS A 105 -23.25 -7.00 1.78
CA LYS A 105 -23.24 -7.00 1.78
C LYS A 105 -21.75 -6.73 1.87
N LEU A 106 -21.14 -6.31 0.73
CA LEU A 106 -19.80 -5.74 0.68
C LEU A 106 -18.74 -6.80 1.00
N LEU A 107 -19.13 -8.07 1.02
CA LEU A 107 -18.22 -9.19 1.29
C LEU A 107 -17.71 -9.81 -0.01
N GLY A 108 -18.06 -9.19 -1.15
CA GLY A 108 -17.59 -9.70 -2.42
C GLY A 108 -18.57 -10.71 -2.99
N CYS A 109 -18.05 -11.65 -3.79
CA CYS A 109 -18.85 -12.58 -4.58
C CYS A 109 -18.62 -14.02 -4.13
N PHE A 110 -19.69 -14.69 -3.73
CA PHE A 110 -19.60 -16.02 -3.13
C PHE A 110 -19.75 -17.12 -4.18
N ILE A 111 -19.95 -16.72 -5.46
CA ILE A 111 -20.11 -17.69 -6.53
C ILE A 111 -18.76 -18.06 -7.12
N PRO A 112 -18.35 -19.35 -7.06
CA PRO A 112 -17.03 -19.77 -7.49
C PRO A 112 -16.78 -19.45 -8.96
N MET A 113 -15.64 -18.82 -9.25
CA MET A 113 -15.17 -18.63 -10.62
CA MET A 113 -15.13 -18.57 -10.58
C MET A 113 -15.94 -17.52 -11.34
N HIS A 114 -16.87 -16.86 -10.65
CA HIS A 114 -17.73 -15.89 -11.32
C HIS A 114 -16.89 -14.71 -11.79
N ASN A 115 -17.09 -14.26 -13.04
CA ASN A 115 -16.15 -13.24 -13.53
CA ASN A 115 -16.25 -13.26 -13.67
C ASN A 115 -16.80 -11.86 -13.49
N CYS A 116 -17.36 -11.53 -12.33
CA CYS A 116 -17.60 -10.13 -12.00
C CYS A 116 -16.33 -9.53 -11.38
N ILE A 117 -16.16 -8.22 -11.50
CA ILE A 117 -15.01 -7.52 -11.01
C ILE A 117 -14.88 -7.74 -9.51
N ASP A 118 -16.00 -7.84 -8.77
CA ASP A 118 -15.97 -8.01 -7.32
C ASP A 118 -15.24 -9.30 -7.02
N ASN A 119 -15.63 -10.36 -7.71
CA ASN A 119 -14.97 -11.64 -7.54
C ASN A 119 -13.47 -11.55 -7.86
N ILE A 120 -13.14 -10.95 -8.98
CA ILE A 120 -11.79 -10.90 -9.48
C ILE A 120 -10.89 -10.15 -8.48
N ILE A 121 -11.37 -9.03 -7.94
CA ILE A 121 -10.64 -8.19 -7.02
C ILE A 121 -10.36 -8.97 -5.73
N HIS A 122 -11.40 -9.58 -5.16
CA HIS A 122 -11.25 -10.34 -3.94
C HIS A 122 -10.31 -11.52 -4.16
N SER A 123 -10.39 -12.17 -5.32
CA SER A 123 -9.59 -13.35 -5.60
C SER A 123 -8.11 -13.02 -5.61
N ALA A 124 -7.73 -11.84 -6.11
CA ALA A 124 -6.32 -11.49 -6.24
C ALA A 124 -5.76 -10.76 -5.02
N SER A 125 -6.63 -10.08 -4.27
CA SER A 125 -6.31 -9.35 -3.07
C SER A 125 -6.01 -10.26 -1.88
N GLY A 126 -6.83 -11.29 -1.67
CA GLY A 126 -6.75 -12.12 -0.49
C GLY A 126 -8.00 -12.06 0.41
N LEU A 127 -8.11 -13.03 1.31
CA LEU A 127 -9.26 -13.12 2.20
C LEU A 127 -9.34 -11.92 3.12
N GLN A 128 -8.24 -11.22 3.36
CA GLN A 128 -8.27 -10.08 4.27
C GLN A 128 -9.22 -9.00 3.76
N LEU A 129 -9.45 -8.93 2.44
CA LEU A 129 -10.27 -7.85 1.91
C LEU A 129 -11.72 -8.05 2.38
N ARG A 130 -12.22 -9.28 2.27
CA ARG A 130 -13.56 -9.61 2.74
C ARG A 130 -13.67 -9.36 4.25
N GLU A 131 -12.64 -9.73 5.00
CA GLU A 131 -12.61 -9.50 6.45
C GLU A 131 -12.71 -8.00 6.78
N GLU A 132 -11.96 -7.16 6.06
CA GLU A 132 -11.96 -5.73 6.39
C GLU A 132 -13.36 -5.17 6.13
N CYS A 133 -13.96 -5.65 5.03
CA CYS A 133 -15.31 -5.24 4.65
C CYS A 133 -16.34 -5.68 5.70
N ASN A 134 -16.21 -6.93 6.15
CA ASN A 134 -17.08 -7.47 7.19
C ASN A 134 -17.08 -6.56 8.43
N ARG A 135 -15.89 -6.17 8.90
CA ARG A 135 -15.74 -5.28 10.04
C ARG A 135 -16.47 -3.95 9.81
N MET A 136 -16.35 -3.36 8.61
CA MET A 136 -17.01 -2.08 8.39
CA MET A 136 -17.01 -2.10 8.34
C MET A 136 -18.54 -2.27 8.41
N ILE A 137 -19.03 -3.48 8.05
CA ILE A 137 -20.43 -3.78 8.15
C ILE A 137 -20.85 -3.92 9.62
N MET A 138 -20.10 -4.74 10.40
CA MET A 138 -20.34 -4.91 11.82
CA MET A 138 -20.43 -4.91 11.80
CA MET A 138 -20.42 -4.92 11.79
C MET A 138 -20.46 -3.54 12.46
N LEU A 139 -19.45 -2.68 12.21
CA LEU A 139 -19.39 -1.36 12.84
C LEU A 139 -20.54 -0.43 12.44
N GLN A 140 -21.02 -0.49 11.19
CA GLN A 140 -22.12 0.41 10.86
C GLN A 140 -23.46 -0.22 11.20
N GLY A 141 -23.47 -1.52 11.55
CA GLY A 141 -24.67 -2.21 11.97
C GLY A 141 -25.61 -2.59 10.82
N GLY A 142 -25.09 -2.78 9.59
CA GLY A 142 -25.89 -3.40 8.56
C GLY A 142 -25.39 -3.08 7.15
N ASP A 143 -26.26 -3.27 6.16
CA ASP A 143 -25.86 -3.33 4.76
C ASP A 143 -25.51 -1.94 4.21
N GLU A 144 -24.77 -1.93 3.11
CA GLU A 144 -24.30 -0.68 2.54
C GLU A 144 -25.33 -0.17 1.53
N ASP A 145 -25.67 1.14 1.62
CA ASP A 145 -26.62 1.76 0.72
C ASP A 145 -25.93 2.09 -0.61
N VAL A 146 -26.75 2.22 -1.65
CA VAL A 146 -26.29 2.65 -2.97
C VAL A 146 -25.67 4.04 -2.88
N GLY A 147 -24.55 4.26 -3.58
CA GLY A 147 -24.08 5.62 -3.85
C GLY A 147 -23.05 6.11 -2.85
N LYS A 148 -22.50 5.21 -2.04
CA LYS A 148 -21.48 5.62 -1.08
C LYS A 148 -20.13 5.00 -1.46
N ALA A 149 -19.16 5.14 -0.57
CA ALA A 149 -17.80 4.68 -0.82
C ALA A 149 -17.15 4.38 0.53
N LYS A 150 -16.50 3.24 0.60
CA LYS A 150 -15.67 2.91 1.73
C LYS A 150 -14.26 2.50 1.25
N ILE A 151 -13.24 2.83 2.05
CA ILE A 151 -11.87 2.51 1.66
C ILE A 151 -11.27 1.42 2.57
N THR A 152 -10.60 0.46 1.95
CA THR A 152 -9.85 -0.59 2.61
C THR A 152 -8.43 -0.67 2.05
N ASN A 153 -7.57 -1.44 2.75
CA ASN A 153 -6.26 -1.80 2.23
CA ASN A 153 -6.25 -1.76 2.20
C ASN A 153 -6.48 -2.71 1.02
N ALA A 154 -5.49 -2.78 0.13
CA ALA A 154 -5.62 -3.59 -1.06
C ALA A 154 -4.86 -4.91 -0.94
N TYR A 155 -4.11 -5.10 0.15
CA TYR A 155 -3.44 -6.36 0.42
C TYR A 155 -2.55 -6.73 -0.75
N ASN A 156 -2.76 -7.89 -1.39
CA ASN A 156 -1.78 -8.38 -2.35
C ASN A 156 -1.96 -7.85 -3.77
N LEU A 157 -2.84 -6.87 -3.96
CA LEU A 157 -2.90 -6.13 -5.21
C LEU A 157 -1.76 -5.14 -5.28
N PRO A 158 -1.44 -4.60 -6.46
CA PRO A 158 -0.39 -3.61 -6.54
C PRO A 158 -0.81 -2.19 -6.20
N SER A 159 -2.13 -1.94 -6.10
CA SER A 159 -2.64 -0.69 -5.56
C SER A 159 -2.48 -0.63 -4.05
N LYS A 160 -2.61 0.57 -3.50
CA LYS A 160 -2.52 0.74 -2.06
C LYS A 160 -3.89 0.50 -1.41
N TYR A 161 -4.95 1.01 -2.02
CA TYR A 161 -6.27 0.88 -1.43
C TYR A 161 -7.29 0.35 -2.43
N VAL A 162 -8.35 -0.24 -1.91
CA VAL A 162 -9.56 -0.51 -2.68
C VAL A 162 -10.72 0.36 -2.14
N VAL A 163 -11.44 1.00 -3.05
CA VAL A 163 -12.58 1.82 -2.69
C VAL A 163 -13.83 1.08 -3.15
N HIS A 164 -14.74 0.78 -2.23
CA HIS A 164 -15.89 -0.08 -2.52
C HIS A 164 -17.14 0.79 -2.61
N THR A 165 -17.90 0.65 -3.70
CA THR A 165 -19.09 1.41 -3.91
C THR A 165 -20.16 0.48 -4.50
N VAL A 166 -21.40 0.73 -4.08
CA VAL A 166 -22.55 -0.01 -4.56
C VAL A 166 -23.32 0.88 -5.52
N GLY A 167 -23.42 0.45 -6.77
CA GLY A 167 -24.16 1.18 -7.76
C GLY A 167 -25.60 0.69 -7.87
N PRO A 168 -26.46 1.45 -8.58
CA PRO A 168 -27.85 1.06 -8.82
C PRO A 168 -27.93 -0.05 -9.83
N SER A 169 -29.00 -0.85 -9.75
CA SER A 169 -29.34 -1.86 -10.74
CA SER A 169 -29.33 -1.87 -10.74
C SER A 169 -30.56 -1.45 -11.55
N ILE A 170 -30.67 -1.89 -12.80
CA ILE A 170 -31.77 -1.54 -13.68
C ILE A 170 -32.52 -2.83 -13.91
N GLU A 171 -33.84 -2.86 -13.60
CA GLU A 171 -34.68 -4.00 -13.93
CA GLU A 171 -34.64 -4.03 -13.92
C GLU A 171 -34.62 -4.28 -15.44
N ARG A 172 -34.62 -5.58 -15.82
CA ARG A 172 -34.56 -5.98 -17.23
CA ARG A 172 -34.54 -5.94 -17.24
C ARG A 172 -35.73 -5.35 -17.99
N GLY A 173 -35.44 -4.78 -19.16
CA GLY A 173 -36.41 -4.11 -19.99
C GLY A 173 -36.92 -2.76 -19.46
N MET A 174 -36.27 -2.16 -18.46
CA MET A 174 -36.71 -0.85 -17.98
CA MET A 174 -36.72 -0.85 -18.00
C MET A 174 -35.76 0.21 -18.55
N ARG A 175 -36.28 1.36 -18.91
CA ARG A 175 -35.44 2.49 -19.25
C ARG A 175 -34.77 3.04 -17.99
N VAL A 176 -33.61 3.68 -18.14
CA VAL A 176 -32.99 4.34 -17.02
C VAL A 176 -33.80 5.56 -16.62
N SER A 177 -33.96 5.81 -15.32
CA SER A 177 -34.75 6.94 -14.81
C SER A 177 -33.80 7.98 -14.25
N SER A 178 -34.28 9.15 -13.91
CA SER A 178 -33.46 10.16 -13.26
C SER A 178 -32.99 9.70 -11.88
N ASP A 179 -33.80 8.94 -11.14
CA ASP A 179 -33.35 8.41 -9.85
C ASP A 179 -32.11 7.53 -10.06
N ASP A 180 -32.14 6.70 -11.11
CA ASP A 180 -31.07 5.77 -11.39
C ASP A 180 -29.80 6.54 -11.72
N VAL A 181 -29.91 7.55 -12.56
CA VAL A 181 -28.75 8.35 -12.96
C VAL A 181 -28.18 8.99 -11.72
N LYS A 182 -29.04 9.62 -10.92
CA LYS A 182 -28.55 10.31 -9.74
C LYS A 182 -27.78 9.34 -8.84
N LYS A 183 -28.25 8.11 -8.68
CA LYS A 183 -27.49 7.18 -7.84
C LYS A 183 -26.12 6.89 -8.45
N LEU A 184 -26.06 6.65 -9.75
CA LEU A 184 -24.76 6.39 -10.31
C LEU A 184 -23.84 7.62 -10.17
N GLU A 185 -24.33 8.83 -10.38
CA GLU A 185 -23.50 10.00 -10.11
C GLU A 185 -22.98 10.00 -8.67
N ARG A 186 -23.82 9.58 -7.73
CA ARG A 186 -23.39 9.57 -6.36
C ARG A 186 -22.26 8.57 -6.14
N CYS A 187 -22.27 7.40 -6.78
CA CYS A 187 -21.16 6.48 -6.68
C CYS A 187 -19.84 7.16 -7.09
N TYR A 188 -19.82 7.77 -8.28
CA TYR A 188 -18.62 8.41 -8.77
C TYR A 188 -18.22 9.51 -7.81
N ASN A 189 -19.14 10.43 -7.45
CA ASN A 189 -18.74 11.49 -6.55
C ASN A 189 -18.22 11.00 -5.21
N SER A 190 -18.84 9.98 -4.63
CA SER A 190 -18.44 9.55 -3.31
C SER A 190 -17.02 9.03 -3.36
N CYS A 191 -16.70 8.31 -4.43
CA CYS A 191 -15.35 7.76 -4.62
C CYS A 191 -14.37 8.90 -4.74
N LEU A 192 -14.73 9.93 -5.51
CA LEU A 192 -13.82 11.03 -5.78
C LEU A 192 -13.56 11.83 -4.50
N GLU A 193 -14.60 11.99 -3.68
CA GLU A 193 -14.45 12.74 -2.44
C GLU A 193 -13.60 11.98 -1.43
N LEU A 194 -13.82 10.68 -1.27
CA LEU A 194 -13.04 9.91 -0.32
C LEU A 194 -11.55 9.86 -0.76
N ALA A 195 -11.31 9.72 -2.07
CA ALA A 195 -9.95 9.66 -2.55
C ALA A 195 -9.29 11.01 -2.30
N SER A 196 -10.03 12.11 -2.43
CA SER A 196 -9.49 13.45 -2.21
C SER A 196 -9.13 13.61 -0.76
N GLU A 197 -9.90 12.99 0.13
CA GLU A 197 -9.76 13.18 1.56
C GLU A 197 -8.55 12.39 2.05
N TYR A 198 -8.27 11.24 1.42
CA TYR A 198 -7.04 10.51 1.67
C TYR A 198 -5.87 11.05 0.85
N LYS A 199 -6.06 12.10 0.09
CA LYS A 199 -4.95 12.76 -0.60
C LYS A 199 -4.32 11.84 -1.66
N LEU A 200 -5.12 10.99 -2.28
CA LEU A 200 -4.63 10.16 -3.36
C LEU A 200 -4.28 10.99 -4.58
N ASN A 201 -3.31 10.47 -5.33
CA ASN A 201 -2.88 11.06 -6.60
C ASN A 201 -3.64 10.43 -7.77
N SER A 202 -4.00 9.13 -7.67
CA SER A 202 -4.58 8.45 -8.79
C SER A 202 -5.64 7.52 -8.27
N ILE A 203 -6.74 7.44 -9.05
CA ILE A 203 -7.74 6.44 -8.75
C ILE A 203 -8.20 5.83 -10.07
N ALA A 204 -8.52 4.55 -10.07
CA ALA A 204 -9.02 3.87 -11.25
C ALA A 204 -10.43 3.33 -11.02
N PHE A 205 -11.34 3.68 -11.93
CA PHE A 205 -12.69 3.16 -11.94
C PHE A 205 -12.82 2.01 -12.90
N CYS A 206 -13.53 0.97 -12.48
CA CYS A 206 -14.27 0.04 -13.34
C CYS A 206 -15.58 0.70 -13.81
N CYS A 207 -16.29 0.04 -14.73
CA CYS A 207 -17.57 0.48 -15.27
C CYS A 207 -18.73 0.09 -14.32
N ILE A 208 -18.87 0.84 -13.21
CA ILE A 208 -19.87 0.62 -12.17
C ILE A 208 -21.28 0.46 -12.77
N SER A 209 -21.97 -0.61 -12.32
CA SER A 209 -23.36 -0.92 -12.61
C SER A 209 -23.56 -1.54 -14.01
N THR A 210 -22.54 -1.56 -14.86
CA THR A 210 -22.66 -2.31 -16.09
C THR A 210 -22.42 -3.77 -15.77
N GLY A 211 -22.87 -4.63 -16.67
CA GLY A 211 -22.77 -6.08 -16.48
C GLY A 211 -23.95 -6.58 -15.65
N VAL A 212 -23.65 -7.04 -14.43
CA VAL A 212 -24.56 -7.73 -13.53
C VAL A 212 -25.74 -6.81 -13.21
N PHE A 213 -25.46 -5.53 -12.91
CA PHE A 213 -26.48 -4.57 -12.50
C PHE A 213 -27.24 -3.99 -13.71
N ASN A 214 -26.86 -4.39 -14.91
CA ASN A 214 -27.67 -4.15 -16.09
C ASN A 214 -27.83 -2.67 -16.45
N PHE A 215 -26.87 -1.78 -16.13
CA PHE A 215 -26.94 -0.40 -16.59
C PHE A 215 -26.38 -0.28 -18.00
N PRO A 216 -27.07 0.39 -18.94
CA PRO A 216 -26.57 0.42 -20.32
C PRO A 216 -25.24 1.14 -20.43
N GLN A 217 -24.36 0.59 -21.26
CA GLN A 217 -22.97 0.93 -21.26
C GLN A 217 -22.74 2.33 -21.80
N LYS A 218 -23.43 2.76 -22.84
CA LYS A 218 -23.17 4.10 -23.33
C LYS A 218 -23.60 5.15 -22.32
N LYS A 219 -24.79 5.00 -21.75
CA LYS A 219 -25.29 6.03 -20.84
C LYS A 219 -24.42 6.05 -19.57
N ALA A 220 -24.01 4.85 -19.12
CA ALA A 220 -23.16 4.81 -17.94
C ALA A 220 -21.88 5.61 -18.14
N ALA A 221 -21.27 5.46 -19.32
CA ALA A 221 -20.03 6.14 -19.64
C ALA A 221 -20.24 7.63 -19.66
N GLU A 222 -21.32 8.08 -20.26
CA GLU A 222 -21.62 9.52 -20.38
C GLU A 222 -21.72 10.12 -18.96
N ILE A 223 -22.25 9.34 -18.03
CA ILE A 223 -22.47 9.81 -16.66
C ILE A 223 -21.13 9.80 -15.92
N ALA A 224 -20.35 8.76 -16.12
CA ALA A 224 -19.06 8.64 -15.45
C ALA A 224 -18.17 9.80 -15.86
N ILE A 225 -18.13 10.07 -17.16
CA ILE A 225 -17.25 11.12 -17.66
C ILE A 225 -17.66 12.47 -17.14
N ARG A 226 -18.96 12.77 -17.21
CA ARG A 226 -19.45 14.06 -16.81
CA ARG A 226 -19.45 14.07 -16.82
C ARG A 226 -19.24 14.28 -15.31
N THR A 227 -19.52 13.27 -14.51
CA THR A 227 -19.40 13.45 -13.08
C THR A 227 -17.94 13.69 -12.65
N VAL A 228 -17.04 12.97 -13.27
CA VAL A 228 -15.62 13.13 -13.00
C VAL A 228 -15.18 14.52 -13.42
N LYS A 229 -15.59 14.93 -14.63
CA LYS A 229 -15.22 16.24 -15.12
C LYS A 229 -15.76 17.35 -14.24
N ASP A 230 -17.03 17.26 -13.84
CA ASP A 230 -17.60 18.31 -13.00
C ASP A 230 -16.88 18.36 -11.66
N PHE A 231 -16.55 17.20 -11.11
CA PHE A 231 -15.82 17.21 -9.86
C PHE A 231 -14.44 17.91 -9.97
N LEU A 232 -13.66 17.61 -11.04
CA LEU A 232 -12.33 18.16 -11.24
C LEU A 232 -12.41 19.63 -11.52
N ASN A 233 -13.49 20.10 -12.15
CA ASN A 233 -13.54 21.49 -12.55
CA ASN A 233 -13.54 21.49 -12.56
C ASN A 233 -13.90 22.36 -11.35
N SER A 234 -14.35 21.74 -10.26
CA SER A 234 -14.89 22.55 -9.16
C SER A 234 -14.28 22.20 -7.80
N ASN A 235 -13.24 21.39 -7.74
CA ASN A 235 -12.59 21.10 -6.47
C ASN A 235 -11.08 21.20 -6.65
N GLU A 236 -10.38 21.74 -5.65
CA GLU A 236 -8.96 21.55 -5.51
C GLU A 236 -8.78 20.15 -4.95
N THR A 237 -8.05 19.30 -5.66
CA THR A 237 -7.91 17.94 -5.23
C THR A 237 -6.48 17.49 -5.46
N SER A 238 -6.07 16.58 -4.59
CA SER A 238 -4.80 15.93 -4.72
C SER A 238 -4.82 15.08 -5.99
N LEU A 239 -6.02 14.71 -6.49
CA LEU A 239 -6.08 13.78 -7.60
C LEU A 239 -5.54 14.47 -8.83
N ASN A 240 -4.61 13.77 -9.51
CA ASN A 240 -4.09 14.26 -10.76
C ASN A 240 -4.36 13.28 -11.91
N HIS A 241 -4.75 12.04 -11.58
CA HIS A 241 -5.03 11.05 -12.57
C HIS A 241 -6.26 10.23 -12.20
N ILE A 242 -7.33 10.38 -13.01
CA ILE A 242 -8.50 9.53 -12.88
C ILE A 242 -8.51 8.60 -14.08
N ILE A 243 -8.48 7.32 -13.81
CA ILE A 243 -8.34 6.37 -14.88
C ILE A 243 -9.62 5.61 -15.05
N PHE A 244 -10.14 5.64 -16.27
CA PHE A 244 -11.24 4.76 -16.62
C PHE A 244 -10.66 3.47 -17.17
N ASP A 245 -10.73 2.45 -16.32
CA ASP A 245 -10.28 1.11 -16.61
C ASP A 245 -11.45 0.30 -17.15
N VAL A 246 -11.38 -0.02 -18.44
CA VAL A 246 -12.41 -0.77 -19.14
C VAL A 246 -11.84 -2.16 -19.47
N PHE A 247 -12.72 -3.16 -19.47
CA PHE A 247 -12.33 -4.54 -19.70
CA PHE A 247 -12.32 -4.54 -19.71
C PHE A 247 -12.70 -4.95 -21.12
N THR A 248 -13.91 -4.59 -21.57
CA THR A 248 -14.41 -5.01 -22.88
C THR A 248 -13.98 -4.03 -23.97
N ASP A 249 -13.93 -4.53 -25.20
CA ASP A 249 -13.65 -3.71 -26.37
C ASP A 249 -14.73 -2.67 -26.59
N LYS A 250 -15.97 -3.04 -26.23
CA LYS A 250 -17.11 -2.18 -26.40
CA LYS A 250 -17.08 -2.14 -26.46
C LYS A 250 -16.98 -0.96 -25.50
N ASP A 251 -16.72 -1.25 -24.21
CA ASP A 251 -16.51 -0.14 -23.26
C ASP A 251 -15.36 0.76 -23.73
N TYR A 252 -14.29 0.17 -24.27
CA TYR A 252 -13.17 0.94 -24.73
C TYR A 252 -13.61 1.88 -25.86
N ASP A 253 -14.37 1.35 -26.84
CA ASP A 253 -14.84 2.13 -27.98
CA ASP A 253 -14.80 2.17 -27.97
C ASP A 253 -15.76 3.28 -27.55
N ILE A 254 -16.65 2.99 -26.59
CA ILE A 254 -17.53 4.05 -26.08
C ILE A 254 -16.71 5.14 -25.38
N TYR A 255 -15.86 4.79 -24.43
CA TYR A 255 -15.15 5.83 -23.73
C TYR A 255 -14.23 6.60 -24.67
N LYS A 256 -13.66 5.90 -25.68
CA LYS A 256 -12.71 6.52 -26.57
C LYS A 256 -13.42 7.56 -27.40
N LYS A 257 -14.62 7.23 -27.86
CA LYS A 257 -15.32 8.15 -28.73
CA LYS A 257 -15.30 8.16 -28.73
C LYS A 257 -15.71 9.36 -27.88
N LEU A 258 -16.24 9.11 -26.67
CA LEU A 258 -16.66 10.23 -25.84
C LEU A 258 -15.51 11.10 -25.41
N LEU A 259 -14.29 10.56 -25.16
CA LEU A 259 -13.23 11.39 -24.59
C LEU A 259 -12.33 11.99 -25.64
N PHE A 260 -12.13 11.30 -26.76
CA PHE A 260 -11.19 11.75 -27.77
C PHE A 260 -11.84 11.88 -29.14
N GLY A 261 -13.00 11.29 -29.35
CA GLY A 261 -13.41 10.88 -30.68
C GLY A 261 -13.58 12.09 -31.54
N PRO B 2 -18.50 6.76 18.49
CA PRO B 2 -17.40 7.22 17.63
C PRO B 2 -16.55 8.31 18.30
N MET B 3 -15.33 7.94 18.70
CA MET B 3 -14.35 8.87 19.24
CA MET B 3 -14.38 8.89 19.25
C MET B 3 -14.01 9.93 18.19
N ASN B 4 -13.77 11.18 18.61
CA ASN B 4 -13.11 12.16 17.75
C ASN B 4 -11.58 12.00 17.85
N ASN B 5 -10.85 12.92 17.21
CA ASN B 5 -9.40 12.88 17.14
C ASN B 5 -8.76 13.00 18.53
N ASP B 6 -9.32 13.81 19.43
CA ASP B 6 -8.73 13.98 20.76
C ASP B 6 -8.98 12.78 21.65
N GLU B 7 -10.15 12.16 21.46
CA GLU B 7 -10.53 11.00 22.25
C GLU B 7 -9.70 9.80 21.79
N GLN B 8 -9.47 9.72 20.48
CA GLN B 8 -8.61 8.69 19.94
C GLN B 8 -7.22 8.82 20.57
N LEU B 9 -6.71 10.05 20.65
CA LEU B 9 -5.37 10.22 21.14
C LEU B 9 -5.32 9.84 22.62
N GLU B 10 -6.32 10.28 23.42
CA GLU B 10 -6.36 9.96 24.83
CA GLU B 10 -6.35 9.95 24.84
C GLU B 10 -6.39 8.44 25.01
N PHE B 11 -7.26 7.78 24.21
CA PHE B 11 -7.45 6.34 24.31
C PHE B 11 -6.09 5.65 24.10
N LEU B 12 -5.33 6.08 23.08
CA LEU B 12 -4.12 5.36 22.72
C LEU B 12 -3.09 5.55 23.83
N ILE B 13 -2.99 6.79 24.33
CA ILE B 13 -2.06 7.10 25.41
C ILE B 13 -2.43 6.30 26.65
N ASN B 14 -3.72 6.25 27.01
CA ASN B 14 -4.11 5.60 28.26
C ASN B 14 -3.82 4.10 28.17
N TYR B 15 -4.05 3.50 27.00
CA TYR B 15 -3.85 2.07 26.85
C TYR B 15 -2.38 1.75 27.04
N LEU B 16 -1.49 2.54 26.39
CA LEU B 16 -0.07 2.26 26.48
C LEU B 16 0.46 2.48 27.92
N LEU B 17 -0.09 3.48 28.62
CA LEU B 17 0.32 3.79 30.00
C LEU B 17 -0.17 2.71 30.96
N ASP B 18 -1.35 2.13 30.73
CA ASP B 18 -1.82 1.02 31.54
C ASP B 18 -0.83 -0.14 31.45
N GLU B 19 -0.34 -0.44 30.28
CA GLU B 19 0.58 -1.57 30.10
C GLU B 19 1.88 -1.35 30.86
N ARG B 20 2.27 -0.09 31.08
CA ARG B 20 3.55 0.19 31.71
C ARG B 20 3.40 0.23 33.23
N SER B 21 2.16 0.08 33.72
CA SER B 21 1.81 0.38 35.11
C SER B 21 2.33 1.77 35.48
N GLU B 22 1.86 2.78 34.74
CA GLU B 22 2.40 4.13 34.82
C GLU B 22 1.24 5.10 34.80
N SER B 23 1.24 6.06 35.73
CA SER B 23 0.32 7.20 35.66
C SER B 23 1.14 8.48 35.73
N ILE B 24 1.24 9.16 34.59
CA ILE B 24 1.92 10.44 34.47
C ILE B 24 0.81 11.50 34.48
N ASP B 25 1.17 12.78 34.58
CA ASP B 25 0.19 13.82 34.30
C ASP B 25 0.12 13.99 32.79
N ILE B 26 -1.06 13.72 32.20
CA ILE B 26 -1.26 13.86 30.77
C ILE B 26 -1.05 15.35 30.42
N PRO B 27 -0.02 15.68 29.60
CA PRO B 27 0.29 17.07 29.25
C PRO B 27 -0.88 17.92 28.74
N LYS B 28 -0.64 19.24 28.65
CA LYS B 28 -1.71 20.19 28.39
CA LYS B 28 -1.71 20.21 28.39
C LYS B 28 -2.01 20.24 26.90
N THR B 29 -1.01 20.64 26.08
CA THR B 29 -1.25 20.85 24.66
C THR B 29 -1.39 19.50 23.95
N PHE B 30 -2.15 19.55 22.85
CA PHE B 30 -2.29 18.41 21.97
C PHE B 30 -0.90 17.89 21.60
N SER B 31 -0.03 18.82 21.20
CA SER B 31 1.24 18.44 20.62
C SER B 31 2.14 17.80 21.69
N GLU B 32 1.89 18.08 22.97
CA GLU B 32 2.65 17.46 24.05
CA GLU B 32 2.73 17.43 23.97
C GLU B 32 2.21 16.02 24.24
N LYS B 33 0.89 15.80 24.12
CA LYS B 33 0.33 14.46 24.23
C LYS B 33 0.71 13.61 23.01
N ARG B 34 0.82 14.28 21.84
CA ARG B 34 1.18 13.59 20.62
C ARG B 34 2.58 13.06 20.76
N ASN B 35 3.48 13.87 21.35
CA ASN B 35 4.85 13.43 21.60
C ASN B 35 4.84 12.30 22.63
N LEU B 36 3.93 12.36 23.60
CA LEU B 36 3.88 11.31 24.59
C LEU B 36 3.49 9.99 23.94
N LEU B 37 2.57 10.05 22.95
CA LEU B 37 2.16 8.86 22.22
C LEU B 37 3.36 8.23 21.48
N ARG B 38 4.07 9.07 20.75
CA ARG B 38 5.26 8.64 20.04
C ARG B 38 6.26 7.93 20.98
N SER B 39 6.63 8.59 22.09
CA SER B 39 7.52 8.02 23.10
C SER B 39 7.05 6.64 23.51
N LEU B 40 5.78 6.54 23.85
CA LEU B 40 5.26 5.28 24.37
C LEU B 40 5.30 4.23 23.28
N MET B 41 5.07 4.64 22.02
CA MET B 41 5.15 3.70 20.91
C MET B 41 6.60 3.27 20.70
N ASN B 42 7.51 4.24 20.73
CA ASN B 42 8.92 3.97 20.51
C ASN B 42 9.38 2.87 21.48
N MET B 43 8.92 2.91 22.74
CA MET B 43 9.43 2.02 23.80
C MET B 43 8.74 0.66 23.82
N ARG B 44 7.60 0.49 23.15
CA ARG B 44 6.86 -0.76 23.32
C ARG B 44 7.53 -1.92 22.56
N HIS B 45 8.11 -2.89 23.31
CA HIS B 45 8.59 -4.15 22.78
C HIS B 45 7.43 -4.92 22.17
N PRO B 46 7.63 -5.70 21.09
CA PRO B 46 6.54 -6.38 20.41
C PRO B 46 5.96 -7.39 21.40
N SER B 47 4.65 -7.60 21.25
CA SER B 47 3.88 -8.51 22.07
C SER B 47 2.41 -8.28 21.76
N ASN B 48 1.60 -9.25 22.18
CA ASN B 48 0.16 -9.23 21.93
CA ASN B 48 0.15 -9.24 22.04
C ASN B 48 -0.38 -7.83 22.24
N ILE B 49 -1.20 -7.32 21.30
CA ILE B 49 -1.89 -6.07 21.52
C ILE B 49 -3.33 -6.18 21.01
N SER B 50 -4.24 -5.43 21.63
CA SER B 50 -5.64 -5.44 21.24
C SER B 50 -5.83 -4.98 19.78
N GLU B 51 -6.77 -5.64 19.10
CA GLU B 51 -7.22 -5.32 17.76
CA GLU B 51 -7.14 -5.28 17.76
C GLU B 51 -7.95 -3.98 17.75
N GLU B 52 -8.65 -3.65 18.86
CA GLU B 52 -9.33 -2.37 18.89
CA GLU B 52 -9.33 -2.35 18.99
C GLU B 52 -8.29 -1.26 19.03
N PHE B 53 -7.22 -1.48 19.80
CA PHE B 53 -6.09 -0.55 19.79
C PHE B 53 -5.59 -0.32 18.34
N LEU B 54 -5.34 -1.40 17.59
CA LEU B 54 -4.79 -1.29 16.25
C LEU B 54 -5.74 -0.55 15.33
N ARG B 55 -7.04 -0.82 15.48
CA ARG B 55 -8.00 -0.14 14.62
C ARG B 55 -7.96 1.35 14.93
N ILE B 56 -7.88 1.71 16.21
CA ILE B 56 -7.91 3.12 16.53
C ILE B 56 -6.59 3.78 16.14
N GLN B 57 -5.49 3.06 16.33
CA GLN B 57 -4.17 3.54 15.95
C GLN B 57 -4.17 3.88 14.46
N ASP B 58 -4.76 2.98 13.67
CA ASP B 58 -4.78 3.14 12.21
C ASP B 58 -5.58 4.37 11.80
N GLU B 59 -6.78 4.53 12.38
CA GLU B 59 -7.57 5.72 12.07
C GLU B 59 -6.77 6.95 12.47
N PHE B 60 -6.09 6.86 13.61
CA PHE B 60 -5.41 8.04 14.13
C PHE B 60 -4.23 8.42 13.21
N LEU B 61 -3.38 7.47 12.92
CA LEU B 61 -2.16 7.70 12.14
C LEU B 61 -2.44 7.94 10.67
N SER B 62 -3.45 7.23 10.13
CA SER B 62 -3.84 7.49 8.77
C SER B 62 -4.35 8.91 8.58
N ARG B 63 -5.15 9.39 9.54
CA ARG B 63 -5.65 10.74 9.46
C ARG B 63 -4.48 11.74 9.55
N GLU B 64 -3.54 11.44 10.42
CA GLU B 64 -2.40 12.32 10.53
C GLU B 64 -1.65 12.40 9.21
N THR B 65 -1.45 11.22 8.59
CA THR B 65 -0.77 11.15 7.30
C THR B 65 -1.52 12.00 6.27
N ALA B 66 -2.85 11.84 6.19
CA ALA B 66 -3.61 12.58 5.19
C ALA B 66 -3.65 14.10 5.44
N ASN B 67 -3.33 14.58 6.65
CA ASN B 67 -3.34 16.02 6.87
C ASN B 67 -1.99 16.67 6.59
N LYS B 68 -0.97 15.86 6.32
CA LYS B 68 0.26 16.42 5.81
C LYS B 68 0.11 16.78 4.35
N ASN B 69 1.00 17.63 3.89
CA ASN B 69 1.21 17.82 2.47
C ASN B 69 2.07 16.66 1.94
N LEU B 70 1.43 15.78 1.16
CA LEU B 70 2.01 14.58 0.65
C LEU B 70 2.59 14.88 -0.72
N THR B 71 3.58 14.09 -1.13
CA THR B 71 4.23 14.31 -2.40
C THR B 71 4.18 13.05 -3.23
N SER B 72 3.81 13.20 -4.49
CA SER B 72 3.91 12.15 -5.47
C SER B 72 5.23 12.25 -6.18
N VAL B 73 5.66 11.11 -6.68
CA VAL B 73 6.89 11.06 -7.45
C VAL B 73 6.87 12.08 -8.61
N GLU B 74 5.76 12.23 -9.34
CA GLU B 74 5.73 13.11 -10.50
C GLU B 74 5.88 14.59 -10.09
N ASP B 75 5.75 14.93 -8.78
CA ASP B 75 5.90 16.30 -8.33
C ASP B 75 7.36 16.68 -8.02
N ILE B 76 8.28 15.74 -8.01
CA ILE B 76 9.67 16.00 -7.67
C ILE B 76 10.37 16.75 -8.81
N SER B 77 10.82 17.99 -8.55
CA SER B 77 11.33 18.88 -9.59
C SER B 77 12.66 18.43 -10.19
N LEU B 78 13.47 17.64 -9.52
CA LEU B 78 14.86 17.47 -9.91
C LEU B 78 15.11 16.02 -10.28
N SER B 79 15.43 15.82 -11.55
CA SER B 79 15.64 14.44 -11.97
C SER B 79 16.58 14.36 -13.15
N SER B 80 17.27 13.23 -13.24
CA SER B 80 18.29 13.00 -14.25
C SER B 80 18.11 11.57 -14.74
N GLY B 81 17.43 11.35 -15.88
CA GLY B 81 17.01 9.99 -16.22
C GLY B 81 16.13 9.40 -15.10
N LYS B 82 16.49 8.24 -14.54
CA LYS B 82 15.70 7.59 -13.54
C LYS B 82 16.04 8.02 -12.12
N ILE B 83 16.99 8.95 -11.98
CA ILE B 83 17.41 9.35 -10.64
C ILE B 83 16.77 10.66 -10.27
N MET B 84 16.26 10.73 -9.04
CA MET B 84 15.70 12.02 -8.61
C MET B 84 16.32 12.42 -7.28
N LEU B 85 16.32 13.72 -7.06
CA LEU B 85 16.67 14.25 -5.76
C LEU B 85 15.53 15.09 -5.21
N TRP B 86 15.13 14.79 -3.96
CA TRP B 86 14.09 15.52 -3.25
C TRP B 86 14.46 15.75 -1.79
N GLN B 87 14.26 16.94 -1.27
CA GLN B 87 14.47 17.19 0.15
C GLN B 87 13.12 17.18 0.81
N GLY B 88 12.85 16.21 1.66
CA GLY B 88 11.57 16.24 2.32
C GLY B 88 11.41 15.03 3.24
N ASP B 89 10.21 14.97 3.85
CA ASP B 89 9.89 13.99 4.86
C ASP B 89 9.49 12.70 4.15
N ILE B 90 10.28 11.65 4.36
CA ILE B 90 10.10 10.39 3.67
C ILE B 90 8.76 9.72 4.03
N THR B 91 8.17 10.13 5.16
CA THR B 91 6.89 9.59 5.55
C THR B 91 5.73 10.23 4.80
N THR B 92 6.00 11.20 3.91
CA THR B 92 5.00 11.90 3.13
C THR B 92 5.13 11.64 1.62
N LEU B 93 5.99 10.69 1.24
CA LEU B 93 6.28 10.43 -0.18
C LEU B 93 5.59 9.15 -0.63
N SER B 94 4.75 9.24 -1.68
CA SER B 94 4.07 8.04 -2.16
C SER B 94 4.87 7.33 -3.24
N ALA B 95 6.08 6.94 -2.90
CA ALA B 95 6.82 5.96 -3.68
C ALA B 95 6.21 4.59 -3.44
N ASP B 96 6.50 3.61 -4.32
CA ASP B 96 6.12 2.22 -4.10
C ASP B 96 6.77 1.69 -2.84
N ALA B 97 8.05 2.05 -2.65
CA ALA B 97 8.77 1.63 -1.45
C ALA B 97 9.68 2.75 -0.95
N ILE B 98 9.76 2.86 0.36
CA ILE B 98 10.71 3.75 0.97
C ILE B 98 11.70 2.88 1.72
N VAL B 99 12.92 3.38 1.85
CA VAL B 99 13.97 2.61 2.47
C VAL B 99 14.26 3.13 3.86
N ASN B 100 14.21 2.19 4.80
CA ASN B 100 14.46 2.47 6.21
C ASN B 100 15.87 1.99 6.54
N ALA B 101 16.70 2.93 6.99
CA ALA B 101 18.02 2.61 7.53
C ALA B 101 17.85 2.04 8.96
N ALA B 102 17.74 0.73 9.06
CA ALA B 102 17.44 0.03 10.30
C ALA B 102 18.69 -0.39 11.05
N ASN B 103 18.48 -1.06 12.18
CA ASN B 103 19.55 -1.73 12.95
C ASN B 103 19.36 -3.25 12.86
N SER B 104 20.33 -3.98 13.41
CA SER B 104 20.41 -5.43 13.25
C SER B 104 19.23 -6.16 13.91
N LYS B 105 18.56 -5.54 14.88
CA LYS B 105 17.43 -6.16 15.56
CA LYS B 105 17.44 -6.18 15.56
C LYS B 105 16.17 -5.94 14.74
N LEU B 106 16.18 -4.88 13.91
CA LEU B 106 15.18 -4.62 12.89
C LEU B 106 13.84 -4.26 13.49
N LEU B 107 13.81 -3.96 14.79
CA LEU B 107 12.59 -3.61 15.52
C LEU B 107 12.44 -2.10 15.61
N GLY B 108 13.33 -1.34 14.98
CA GLY B 108 13.23 0.10 15.02
C GLY B 108 14.03 0.63 16.22
N CYS B 109 13.67 1.84 16.63
CA CYS B 109 14.38 2.65 17.62
C CYS B 109 13.55 2.79 18.91
N PHE B 110 14.18 2.40 20.01
CA PHE B 110 13.50 2.28 21.29
C PHE B 110 13.65 3.53 22.14
N ILE B 111 14.37 4.53 21.62
CA ILE B 111 14.60 5.76 22.37
C ILE B 111 13.47 6.75 22.07
N PRO B 112 12.69 7.19 23.09
CA PRO B 112 11.58 8.14 22.90
C PRO B 112 11.99 9.40 22.17
N MET B 113 11.29 9.79 21.10
CA MET B 113 11.48 11.10 20.49
CA MET B 113 11.42 11.05 20.39
C MET B 113 12.78 11.18 19.68
N HIS B 114 13.57 10.10 19.63
CA HIS B 114 14.85 10.15 18.93
C HIS B 114 14.62 10.45 17.46
N ASN B 115 15.37 11.39 16.84
CA ASN B 115 15.01 11.77 15.48
CA ASN B 115 15.11 11.84 15.48
C ASN B 115 15.99 11.09 14.50
N CYS B 116 16.14 9.78 14.64
CA CYS B 116 16.69 9.02 13.52
C CYS B 116 15.55 8.61 12.59
N ILE B 117 15.91 8.30 11.34
CA ILE B 117 14.93 7.99 10.34
C ILE B 117 14.15 6.75 10.77
N ASP B 118 14.82 5.79 11.44
CA ASP B 118 14.20 4.54 11.87
C ASP B 118 13.05 4.87 12.82
N ASN B 119 13.34 5.72 13.79
CA ASN B 119 12.31 6.16 14.71
C ASN B 119 11.15 6.82 13.96
N ILE B 120 11.47 7.76 13.06
CA ILE B 120 10.48 8.55 12.36
C ILE B 120 9.55 7.68 11.55
N ILE B 121 10.09 6.70 10.81
CA ILE B 121 9.31 5.79 10.00
C ILE B 121 8.41 4.94 10.88
N HIS B 122 8.94 4.33 11.92
CA HIS B 122 8.13 3.51 12.83
C HIS B 122 7.01 4.33 13.49
N SER B 123 7.30 5.59 13.85
CA SER B 123 6.34 6.41 14.56
C SER B 123 5.13 6.72 13.68
N ALA B 124 5.36 6.90 12.38
CA ALA B 124 4.31 7.31 11.47
C ALA B 124 3.58 6.08 10.87
N SER B 125 4.24 4.92 10.82
CA SER B 125 3.75 3.72 10.20
C SER B 125 2.82 2.95 11.13
N GLY B 126 3.17 2.88 12.40
CA GLY B 126 2.35 2.13 13.37
C GLY B 126 3.11 0.96 13.98
N LEU B 127 2.59 0.41 15.08
CA LEU B 127 3.29 -0.66 15.79
C LEU B 127 3.35 -1.91 14.91
N GLN B 128 2.50 -2.04 13.90
CA GLN B 128 2.50 -3.24 13.07
C GLN B 128 3.83 -3.35 12.34
N LEU B 129 4.53 -2.25 12.08
CA LEU B 129 5.79 -2.33 11.37
C LEU B 129 6.81 -3.13 12.19
N ARG B 130 6.96 -2.80 13.45
CA ARG B 130 7.85 -3.49 14.39
C ARG B 130 7.45 -4.96 14.52
N GLU B 131 6.15 -5.24 14.58
CA GLU B 131 5.65 -6.60 14.68
C GLU B 131 6.02 -7.40 13.42
N GLU B 132 5.85 -6.82 12.21
CA GLU B 132 6.11 -7.57 11.01
C GLU B 132 7.61 -7.88 10.96
N CYS B 133 8.44 -6.92 11.40
CA CYS B 133 9.88 -7.11 11.45
C CYS B 133 10.28 -8.21 12.44
N ASN B 134 9.64 -8.18 13.62
CA ASN B 134 9.86 -9.19 14.65
C ASN B 134 9.68 -10.59 14.06
N ARG B 135 8.55 -10.80 13.36
CA ARG B 135 8.24 -12.07 12.72
C ARG B 135 9.33 -12.51 11.74
N MET B 136 9.84 -11.58 10.94
CA MET B 136 10.85 -11.96 9.98
CA MET B 136 10.87 -11.90 9.97
C MET B 136 12.14 -12.36 10.70
N ILE B 137 12.40 -11.78 11.88
CA ILE B 137 13.56 -12.16 12.68
C ILE B 137 13.35 -13.58 13.23
N MET B 138 12.19 -13.80 13.88
CA MET B 138 11.93 -15.12 14.43
CA MET B 138 11.80 -15.11 14.40
C MET B 138 12.07 -16.17 13.31
N LEU B 139 11.49 -15.95 12.14
CA LEU B 139 11.55 -16.90 11.04
C LEU B 139 12.94 -17.11 10.45
N GLN B 140 13.81 -16.10 10.43
CA GLN B 140 15.14 -16.35 9.90
C GLN B 140 16.06 -16.89 11.00
N GLY B 141 15.60 -16.84 12.25
CA GLY B 141 16.33 -17.42 13.36
C GLY B 141 17.48 -16.55 13.85
N GLY B 142 17.51 -15.26 13.58
CA GLY B 142 18.61 -14.46 14.08
C GLY B 142 18.56 -13.01 13.62
N ASP B 143 19.58 -12.27 14.05
CA ASP B 143 19.69 -10.84 13.77
C ASP B 143 20.02 -10.63 12.28
N GLU B 144 19.74 -9.41 11.81
CA GLU B 144 19.94 -9.10 10.40
C GLU B 144 21.38 -8.69 10.16
N ASP B 145 22.01 -9.27 9.13
CA ASP B 145 23.35 -8.89 8.68
C ASP B 145 23.34 -7.54 7.98
N VAL B 146 24.48 -6.89 8.01
CA VAL B 146 24.74 -5.70 7.23
C VAL B 146 24.60 -6.04 5.74
N GLY B 147 23.95 -5.15 4.98
CA GLY B 147 24.04 -5.19 3.53
C GLY B 147 22.95 -6.01 2.86
N LYS B 148 21.88 -6.29 3.60
CA LYS B 148 20.77 -7.01 3.02
C LYS B 148 19.57 -6.09 2.96
N ALA B 149 18.42 -6.68 2.59
CA ALA B 149 17.19 -5.93 2.47
C ALA B 149 16.01 -6.84 2.78
N LYS B 150 15.07 -6.32 3.53
CA LYS B 150 13.82 -7.03 3.76
C LYS B 150 12.66 -6.08 3.52
N ILE B 151 11.56 -6.61 3.01
CA ILE B 151 10.40 -5.78 2.66
C ILE B 151 9.22 -6.11 3.56
N THR B 152 8.58 -5.06 4.04
CA THR B 152 7.33 -5.10 4.81
C THR B 152 6.29 -4.18 4.20
N ASN B 153 5.04 -4.37 4.60
CA ASN B 153 3.98 -3.41 4.32
C ASN B 153 4.33 -2.11 5.04
N ALA B 154 3.85 -0.99 4.52
CA ALA B 154 4.10 0.30 5.09
C ALA B 154 2.99 0.81 6.01
N TYR B 155 1.86 0.12 6.12
CA TYR B 155 0.78 0.43 7.05
C TYR B 155 0.33 1.87 6.83
N ASN B 156 0.47 2.75 7.82
CA ASN B 156 -0.20 4.06 7.74
C ASN B 156 0.57 5.12 6.96
N LEU B 157 1.65 4.74 6.30
CA LEU B 157 2.40 5.63 5.41
C LEU B 157 1.70 5.66 4.06
N PRO B 158 1.94 6.68 3.22
CA PRO B 158 1.43 6.70 1.88
C PRO B 158 2.13 5.80 0.85
N SER B 159 3.30 5.23 1.17
CA SER B 159 3.98 4.27 0.34
C SER B 159 3.33 2.92 0.55
N LYS B 160 3.61 1.98 -0.35
CA LYS B 160 3.05 0.65 -0.24
C LYS B 160 3.95 -0.22 0.60
N TYR B 161 5.27 -0.12 0.45
CA TYR B 161 6.17 -0.98 1.19
C TYR B 161 7.24 -0.18 1.91
N VAL B 162 7.80 -0.78 2.95
CA VAL B 162 9.07 -0.30 3.56
C VAL B 162 10.15 -1.35 3.31
N VAL B 163 11.31 -0.94 2.84
CA VAL B 163 12.45 -1.84 2.70
C VAL B 163 13.44 -1.51 3.79
N HIS B 164 13.78 -2.47 4.65
CA HIS B 164 14.66 -2.28 5.79
C HIS B 164 16.06 -2.80 5.42
N THR B 165 17.09 -2.00 5.65
CA THR B 165 18.46 -2.41 5.40
C THR B 165 19.32 -1.89 6.55
N VAL B 166 20.31 -2.69 6.92
CA VAL B 166 21.28 -2.35 7.94
C VAL B 166 22.60 -1.97 7.27
N GLY B 167 22.97 -0.71 7.46
CA GLY B 167 24.21 -0.17 6.94
C GLY B 167 25.37 -0.43 7.89
N PRO B 168 26.62 -0.26 7.40
CA PRO B 168 27.80 -0.39 8.25
C PRO B 168 27.91 0.83 9.17
N SER B 169 28.54 0.63 10.35
CA SER B 169 28.84 1.72 11.28
CA SER B 169 28.85 1.66 11.33
C SER B 169 30.35 1.98 11.31
N ILE B 170 30.72 3.25 11.49
CA ILE B 170 32.12 3.65 11.57
C ILE B 170 32.37 4.03 13.03
N GLU B 171 33.27 3.29 13.71
CA GLU B 171 33.66 3.64 15.07
CA GLU B 171 33.68 3.63 15.06
C GLU B 171 34.25 5.05 15.04
N ARG B 172 33.96 5.86 16.08
CA ARG B 172 34.46 7.22 16.13
CA ARG B 172 34.46 7.22 16.16
C ARG B 172 35.98 7.20 16.04
N GLY B 173 36.53 8.12 15.22
CA GLY B 173 37.97 8.24 14.97
C GLY B 173 38.56 7.12 14.12
N MET B 174 37.76 6.28 13.46
CA MET B 174 38.30 5.35 12.48
CA MET B 174 38.32 5.37 12.47
C MET B 174 37.97 5.90 11.10
N ARG B 175 38.90 5.78 10.16
CA ARG B 175 38.59 6.19 8.80
CA ARG B 175 38.61 6.17 8.79
C ARG B 175 37.74 5.09 8.14
N VAL B 176 37.03 5.47 7.08
CA VAL B 176 36.27 4.51 6.31
C VAL B 176 37.25 3.52 5.65
N SER B 177 36.98 2.22 5.79
CA SER B 177 37.79 1.19 5.14
C SER B 177 37.15 0.78 3.82
N SER B 178 37.87 0.06 2.98
CA SER B 178 37.24 -0.44 1.76
C SER B 178 36.11 -1.44 2.07
N ASP B 179 36.23 -2.24 3.14
CA ASP B 179 35.18 -3.15 3.56
C ASP B 179 33.93 -2.35 3.93
N ASP B 180 34.09 -1.20 4.60
CA ASP B 180 32.97 -0.37 4.97
C ASP B 180 32.27 0.11 3.70
N VAL B 181 33.03 0.55 2.72
CA VAL B 181 32.47 1.01 1.46
C VAL B 181 31.68 -0.13 0.83
N LYS B 182 32.30 -1.30 0.75
CA LYS B 182 31.63 -2.44 0.14
CA LYS B 182 31.67 -2.49 0.20
C LYS B 182 30.29 -2.70 0.83
N LYS B 183 30.23 -2.58 2.14
CA LYS B 183 28.99 -2.91 2.82
C LYS B 183 27.91 -1.88 2.48
N LEU B 184 28.30 -0.60 2.42
CA LEU B 184 27.32 0.38 2.01
C LEU B 184 26.80 0.10 0.59
N GLU B 185 27.68 -0.26 -0.33
CA GLU B 185 27.26 -0.61 -1.68
C GLU B 185 26.26 -1.76 -1.62
N ARG B 186 26.49 -2.72 -0.72
CA ARG B 186 25.62 -3.88 -0.72
CA ARG B 186 25.65 -3.90 -0.61
C ARG B 186 24.23 -3.48 -0.22
N CYS B 187 24.14 -2.55 0.72
CA CYS B 187 22.83 -2.05 1.12
C CYS B 187 22.05 -1.53 -0.08
N TYR B 188 22.67 -0.61 -0.85
CA TYR B 188 21.97 -0.03 -1.96
C TYR B 188 21.62 -1.12 -2.98
N ASN B 189 22.57 -1.98 -3.36
CA ASN B 189 22.25 -3.05 -4.29
C ASN B 189 21.16 -3.98 -3.79
N SER B 190 21.18 -4.38 -2.53
CA SER B 190 20.17 -5.33 -2.10
C SER B 190 18.78 -4.70 -2.22
N CYS B 191 18.66 -3.41 -1.89
CA CYS B 191 17.40 -2.71 -1.96
C CYS B 191 16.93 -2.66 -3.42
N LEU B 192 17.85 -2.43 -4.33
CA LEU B 192 17.49 -2.31 -5.72
C LEU B 192 17.11 -3.66 -6.31
N GLU B 193 17.76 -4.72 -5.85
CA GLU B 193 17.42 -6.06 -6.30
C GLU B 193 16.03 -6.46 -5.79
N LEU B 194 15.76 -6.25 -4.52
CA LEU B 194 14.46 -6.61 -3.95
C LEU B 194 13.31 -5.80 -4.60
N ALA B 195 13.56 -4.52 -4.87
CA ALA B 195 12.54 -3.70 -5.46
C ALA B 195 12.24 -4.22 -6.85
N SER B 196 13.29 -4.60 -7.58
CA SER B 196 13.14 -5.12 -8.93
C SER B 196 12.38 -6.41 -8.95
N GLU B 197 12.54 -7.22 -7.91
CA GLU B 197 11.92 -8.52 -7.85
C GLU B 197 10.42 -8.37 -7.57
N TYR B 198 10.04 -7.35 -6.82
CA TYR B 198 8.64 -7.05 -6.61
C TYR B 198 8.08 -6.19 -7.73
N LYS B 199 8.85 -5.91 -8.77
CA LYS B 199 8.38 -5.13 -9.90
C LYS B 199 7.92 -3.72 -9.49
N LEU B 200 8.60 -3.10 -8.52
CA LEU B 200 8.22 -1.77 -8.15
C LEU B 200 8.61 -0.77 -9.24
N ASN B 201 7.84 0.35 -9.28
CA ASN B 201 8.11 1.46 -10.20
C ASN B 201 9.05 2.53 -9.58
N SER B 202 8.99 2.73 -8.28
CA SER B 202 9.73 3.84 -7.62
C SER B 202 10.20 3.39 -6.26
N ILE B 203 11.42 3.80 -5.89
CA ILE B 203 11.92 3.49 -4.56
C ILE B 203 12.66 4.74 -4.08
N ALA B 204 12.52 5.05 -2.80
CA ALA B 204 13.14 6.25 -2.24
C ALA B 204 14.07 5.83 -1.11
N PHE B 205 15.33 6.29 -1.19
CA PHE B 205 16.33 6.04 -0.18
C PHE B 205 16.46 7.25 0.71
N CYS B 206 16.64 6.96 2.01
CA CYS B 206 17.29 7.87 2.94
C CYS B 206 18.83 7.73 2.81
N CYS B 207 19.56 8.61 3.50
CA CYS B 207 21.01 8.58 3.57
C CYS B 207 21.50 7.51 4.55
N ILE B 208 21.59 6.26 4.06
CA ILE B 208 21.96 5.13 4.87
C ILE B 208 23.36 5.32 5.46
N SER B 209 23.49 5.02 6.77
CA SER B 209 24.73 4.99 7.54
C SER B 209 25.21 6.38 7.96
N THR B 210 24.58 7.44 7.44
CA THR B 210 24.90 8.76 7.94
C THR B 210 24.14 8.99 9.24
N GLY B 211 24.64 9.94 10.04
CA GLY B 211 24.04 10.23 11.32
C GLY B 211 24.57 9.31 12.40
N VAL B 212 23.68 8.43 12.91
CA VAL B 212 24.00 7.63 14.08
C VAL B 212 25.09 6.62 13.74
N PHE B 213 25.13 6.06 12.52
CA PHE B 213 26.15 5.08 12.13
C PHE B 213 27.48 5.76 11.72
N ASN B 214 27.47 7.10 11.68
CA ASN B 214 28.68 7.88 11.67
C ASN B 214 29.50 7.72 10.39
N PHE B 215 28.86 7.46 9.26
CA PHE B 215 29.56 7.46 7.98
C PHE B 215 29.59 8.88 7.41
N PRO B 216 30.73 9.37 6.91
CA PRO B 216 30.77 10.75 6.43
C PRO B 216 29.84 10.97 5.23
N GLN B 217 29.17 12.12 5.23
CA GLN B 217 28.08 12.42 4.35
C GLN B 217 28.53 12.53 2.89
N LYS B 218 29.67 13.13 2.63
CA LYS B 218 30.05 13.27 1.23
C LYS B 218 30.37 11.91 0.64
N LYS B 219 31.10 11.10 1.38
CA LYS B 219 31.51 9.81 0.82
C LYS B 219 30.30 8.90 0.66
N ALA B 220 29.38 8.97 1.62
CA ALA B 220 28.18 8.16 1.56
C ALA B 220 27.39 8.47 0.29
N ALA B 221 27.29 9.76 -0.01
CA ALA B 221 26.53 10.21 -1.15
C ALA B 221 27.17 9.70 -2.43
N GLU B 222 28.48 9.75 -2.50
CA GLU B 222 29.23 9.35 -3.69
CA GLU B 222 29.16 9.36 -3.73
C GLU B 222 28.94 7.87 -3.91
N ILE B 223 29.06 7.09 -2.83
CA ILE B 223 28.77 5.67 -2.93
C ILE B 223 27.33 5.40 -3.39
N ALA B 224 26.36 6.13 -2.84
CA ALA B 224 24.96 5.85 -3.12
C ALA B 224 24.69 6.09 -4.60
N ILE B 225 25.19 7.23 -5.10
CA ILE B 225 24.96 7.60 -6.47
C ILE B 225 25.59 6.59 -7.41
N ARG B 226 26.83 6.21 -7.16
CA ARG B 226 27.57 5.34 -8.04
CA ARG B 226 27.55 5.36 -8.07
C ARG B 226 26.94 3.95 -8.07
N THR B 227 26.57 3.45 -6.90
CA THR B 227 25.96 2.13 -6.88
C THR B 227 24.59 2.10 -7.60
N VAL B 228 23.80 3.16 -7.46
CA VAL B 228 22.51 3.17 -8.11
C VAL B 228 22.72 3.27 -9.61
N LYS B 229 23.59 4.17 -10.04
CA LYS B 229 23.89 4.34 -11.45
C LYS B 229 24.41 3.06 -12.07
N ASP B 230 25.35 2.38 -11.39
CA ASP B 230 25.94 1.18 -11.92
C ASP B 230 24.88 0.09 -11.97
N PHE B 231 23.97 0.04 -11.01
CA PHE B 231 22.91 -0.95 -11.03
C PHE B 231 22.00 -0.75 -12.25
N LEU B 232 21.59 0.49 -12.51
CA LEU B 232 20.70 0.83 -13.61
C LEU B 232 21.39 0.57 -14.93
N ASN B 233 22.70 0.77 -15.02
CA ASN B 233 23.36 0.65 -16.31
C ASN B 233 23.59 -0.82 -16.64
N SER B 234 23.41 -1.71 -15.66
CA SER B 234 23.83 -3.08 -15.86
C SER B 234 22.75 -4.11 -15.48
N ASN B 235 21.52 -3.69 -15.15
CA ASN B 235 20.45 -4.63 -14.90
C ASN B 235 19.17 -4.08 -15.54
N GLU B 236 18.32 -4.95 -16.07
CA GLU B 236 17.02 -4.50 -16.57
C GLU B 236 16.10 -4.43 -15.35
N THR B 237 15.30 -3.37 -15.21
CA THR B 237 14.53 -3.28 -13.97
C THR B 237 13.15 -2.70 -14.25
N SER B 238 12.15 -3.16 -13.54
CA SER B 238 10.90 -2.43 -13.44
C SER B 238 11.08 -0.97 -12.96
N LEU B 239 12.16 -0.66 -12.23
CA LEU B 239 12.24 0.66 -11.59
C LEU B 239 12.38 1.76 -12.64
N ASN B 240 11.57 2.82 -12.53
CA ASN B 240 11.69 3.97 -13.40
CA ASN B 240 11.70 3.98 -13.39
C ASN B 240 12.08 5.22 -12.58
N HIS B 241 12.01 5.13 -11.26
CA HIS B 241 12.36 6.28 -10.42
C HIS B 241 13.07 5.83 -9.16
N ILE B 242 14.32 6.27 -9.01
CA ILE B 242 15.07 6.07 -7.80
C ILE B 242 15.26 7.43 -7.15
N ILE B 243 14.72 7.57 -5.96
CA ILE B 243 14.72 8.89 -5.37
C ILE B 243 15.70 8.95 -4.21
N PHE B 244 16.60 9.94 -4.26
CA PHE B 244 17.39 10.25 -3.10
C PHE B 244 16.67 11.30 -2.28
N ASP B 245 16.18 10.80 -1.14
CA ASP B 245 15.40 11.63 -0.23
C ASP B 245 16.36 12.09 0.88
N VAL B 246 16.67 13.38 0.86
CA VAL B 246 17.54 13.99 1.85
C VAL B 246 16.69 14.83 2.81
N PHE B 247 17.18 15.05 4.03
CA PHE B 247 16.47 15.87 5.01
CA PHE B 247 16.48 15.85 5.03
C PHE B 247 17.24 17.17 5.22
N THR B 248 18.57 17.12 5.34
CA THR B 248 19.34 18.34 5.58
C THR B 248 19.64 19.12 4.31
N ASP B 249 19.80 20.45 4.46
CA ASP B 249 20.24 21.33 3.39
C ASP B 249 21.62 20.94 2.90
N LYS B 250 22.43 20.43 3.81
CA LYS B 250 23.78 20.01 3.55
C LYS B 250 23.75 18.79 2.63
N ASP B 251 22.95 17.78 3.02
CA ASP B 251 22.81 16.60 2.18
C ASP B 251 22.26 16.98 0.80
N TYR B 252 21.35 17.93 0.76
CA TYR B 252 20.79 18.35 -0.50
C TYR B 252 21.88 18.95 -1.38
N ASP B 253 22.69 19.84 -0.80
CA ASP B 253 23.78 20.47 -1.54
C ASP B 253 24.80 19.44 -2.05
N ILE B 254 25.16 18.45 -1.23
CA ILE B 254 26.09 17.42 -1.67
C ILE B 254 25.48 16.62 -2.82
N TYR B 255 24.29 16.04 -2.66
CA TYR B 255 23.74 15.29 -3.77
C TYR B 255 23.57 16.15 -5.02
N LYS B 256 23.17 17.39 -4.85
CA LYS B 256 22.94 18.26 -6.00
C LYS B 256 24.23 18.54 -6.77
N LYS B 257 25.33 18.76 -6.04
CA LYS B 257 26.60 19.00 -6.71
CA LYS B 257 26.66 18.95 -6.62
C LYS B 257 27.03 17.73 -7.45
N LEU B 258 26.95 16.57 -6.83
CA LEU B 258 27.38 15.36 -7.47
C LEU B 258 26.51 15.00 -8.65
N LEU B 259 25.18 15.29 -8.62
CA LEU B 259 24.31 14.82 -9.67
C LEU B 259 24.20 15.84 -10.80
N PHE B 260 24.24 17.14 -10.50
CA PHE B 260 23.99 18.17 -11.49
C PHE B 260 25.09 19.23 -11.54
N GLY B 261 25.99 19.24 -10.57
CA GLY B 261 26.79 20.43 -10.30
C GLY B 261 25.91 21.65 -10.05
#